data_8QGX
#
_entry.id   8QGX
#
_cell.length_a   64.980
_cell.length_b   73.000
_cell.length_c   84.920
_cell.angle_alpha   90.00
_cell.angle_beta   90.00
_cell.angle_gamma   90.00
#
_symmetry.space_group_name_H-M   'P 21 21 21'
#
loop_
_entity.id
_entity.type
_entity.pdbx_description
1 polymer 'Neutrophil elastase'
2 polymer NbE201
3 branched 2-acetamido-2-deoxy-beta-D-glucopyranose-(1-4)-[alpha-L-fucopyranose-(1-6)]2-acetamido-2-deoxy-beta-D-glucopyranose
4 non-polymer 'PHOSPHATE ION'
5 water water
#
loop_
_entity_poly.entity_id
_entity_poly.type
_entity_poly.pdbx_seq_one_letter_code
_entity_poly.pdbx_strand_id
1 'polypeptide(L)'
;IVGGRRARPHAWPFMVSLQLRGGHFCGATLIAPNFVMSAAHCVANVNVRAVRVVLGAHNLSRREPTRQVFAVQRIFENGY
DPVNLLNDIVILQLNGSATINANVQVAQLPAQGRRLGNGVQCLAMGWGLLGRNRGIASVLQELNVTVVTSLCRRSNVCTL
VRGRQAGVCFGDSGSPLVCNGLIHGIASFVRGGCASGLYPDAFAPVAQFVNWIDSIIQ
;
A
2 'polypeptide(L)'
;QVQLQESGGGLVQAGGSLRLSCVVPGRTISLYRMGWFRQAPGKEREFVAGINWSGDMTDYVDSVKGRFTISRDNAKNTVY
LEMNSLKPEDTAIYYCTADPKLLPLADSSYGYWGQGTQVTVSSHHHHHH
;
B
#
# COMPACT_ATOMS: atom_id res chain seq x y z
N ILE A 1 0.47 -11.15 -4.99
CA ILE A 1 1.63 -11.92 -5.45
C ILE A 1 1.37 -12.32 -6.89
N VAL A 2 2.23 -11.85 -7.79
CA VAL A 2 2.17 -12.15 -9.22
C VAL A 2 3.06 -13.35 -9.53
N GLY A 3 2.51 -14.33 -10.23
CA GLY A 3 3.26 -15.51 -10.63
C GLY A 3 3.73 -16.41 -9.52
N GLY A 4 3.02 -16.39 -8.39
CA GLY A 4 3.30 -17.25 -7.25
C GLY A 4 2.44 -18.49 -7.29
N ARG A 5 2.27 -19.13 -6.12
CA ARG A 5 1.47 -20.35 -5.99
C ARG A 5 0.71 -20.32 -4.69
N ARG A 6 -0.37 -21.10 -4.63
CA ARG A 6 -1.15 -21.22 -3.41
C ARG A 6 -0.27 -21.86 -2.35
N ALA A 7 -0.26 -21.26 -1.15
CA ALA A 7 0.46 -21.84 -0.01
C ALA A 7 -0.33 -23.06 0.48
N ARG A 8 0.35 -23.97 1.19
CA ARG A 8 -0.36 -25.11 1.79
C ARG A 8 -1.20 -24.51 2.96
N PRO A 9 -2.44 -25.00 3.21
CA PRO A 9 -3.23 -24.41 4.30
C PRO A 9 -2.50 -24.29 5.64
N HIS A 10 -2.37 -23.05 6.13
CA HIS A 10 -1.77 -22.72 7.41
C HIS A 10 -0.30 -23.14 7.51
N ALA A 11 0.42 -23.00 6.41
CA ALA A 11 1.85 -23.29 6.36
C ALA A 11 2.63 -22.20 7.10
N TRP A 12 2.09 -20.95 7.08
CA TRP A 12 2.74 -19.77 7.66
C TRP A 12 1.80 -19.18 8.68
N PRO A 13 1.65 -19.85 9.85
CA PRO A 13 0.65 -19.39 10.85
C PRO A 13 0.88 -18.01 11.47
N PHE A 14 2.00 -17.38 11.19
CA PHE A 14 2.32 -16.03 11.65
C PHE A 14 1.82 -15.01 10.68
N MET A 15 1.28 -15.43 9.49
CA MET A 15 0.78 -14.54 8.44
C MET A 15 -0.56 -13.95 8.86
N VAL A 16 -0.70 -12.62 8.71
CA VAL A 16 -1.90 -11.89 9.18
C VAL A 16 -2.51 -11.11 8.06
N SER A 17 -3.85 -10.93 8.13
CA SER A 17 -4.54 -10.11 7.13
C SER A 17 -5.08 -8.88 7.85
N LEU A 18 -4.77 -7.67 7.37
CA LEU A 18 -5.36 -6.46 7.95
C LEU A 18 -6.53 -6.13 7.07
N GLN A 19 -7.72 -5.91 7.65
CA GLN A 19 -8.94 -5.65 6.87
C GLN A 19 -9.66 -4.39 7.28
N LEU A 20 -10.34 -3.76 6.32
CA LEU A 20 -11.18 -2.56 6.50
C LEU A 20 -12.46 -2.83 5.73
N ARG A 21 -13.64 -2.53 6.34
CA ARG A 21 -14.94 -2.84 5.74
C ARG A 21 -15.01 -4.33 5.28
N GLY A 22 -14.41 -5.23 6.07
CA GLY A 22 -14.35 -6.66 5.76
C GLY A 22 -13.45 -7.09 4.60
N GLY A 23 -12.72 -6.15 3.99
CA GLY A 23 -11.85 -6.44 2.86
C GLY A 23 -10.38 -6.33 3.21
N HIS A 24 -9.59 -7.32 2.79
CA HIS A 24 -8.13 -7.33 2.99
C HIS A 24 -7.48 -6.18 2.23
N PHE A 25 -6.60 -5.42 2.91
CA PHE A 25 -5.88 -4.32 2.22
C PHE A 25 -4.35 -4.38 2.45
N CYS A 26 -3.87 -5.04 3.52
CA CYS A 26 -2.43 -5.18 3.81
C CYS A 26 -2.22 -6.44 4.54
N GLY A 27 -0.98 -6.92 4.52
CA GLY A 27 -0.60 -8.06 5.37
C GLY A 27 0.10 -7.59 6.63
N ALA A 28 0.47 -8.54 7.49
CA ALA A 28 1.18 -8.27 8.72
C ALA A 28 1.76 -9.58 9.21
N THR A 29 2.53 -9.51 10.29
CA THR A 29 3.16 -10.68 10.89
C THR A 29 2.90 -10.69 12.39
N LEU A 30 2.48 -11.85 12.96
CA LEU A 30 2.33 -11.99 14.41
C LEU A 30 3.72 -12.09 15.00
N ILE A 31 4.13 -11.15 15.87
CA ILE A 31 5.48 -11.14 16.46
C ILE A 31 5.46 -11.35 17.98
N ALA A 32 4.29 -11.48 18.55
CA ALA A 32 4.06 -11.75 19.98
C ALA A 32 2.57 -12.03 20.04
N PRO A 33 1.99 -12.66 21.08
CA PRO A 33 0.53 -12.90 21.07
C PRO A 33 -0.34 -11.65 20.95
N ASN A 34 0.15 -10.49 21.42
CA ASN A 34 -0.62 -9.23 21.41
C ASN A 34 0.02 -8.16 20.52
N PHE A 35 0.96 -8.51 19.65
CA PHE A 35 1.56 -7.54 18.72
C PHE A 35 1.73 -8.13 17.35
N VAL A 36 1.43 -7.33 16.33
CA VAL A 36 1.72 -7.67 14.93
C VAL A 36 2.58 -6.54 14.41
N MET A 37 3.35 -6.82 13.35
CA MET A 37 4.12 -5.82 12.64
C MET A 37 3.67 -5.80 11.21
N SER A 38 3.59 -4.59 10.66
CA SER A 38 3.20 -4.40 9.27
C SER A 38 4.00 -3.20 8.74
N ALA A 39 3.62 -2.69 7.56
CA ALA A 39 4.24 -1.53 6.95
C ALA A 39 3.51 -0.27 7.43
N ALA A 40 4.22 0.78 7.84
CA ALA A 40 3.63 2.04 8.28
C ALA A 40 2.68 2.62 7.26
N HIS A 41 2.95 2.48 5.95
CA HIS A 41 2.03 3.05 4.95
C HIS A 41 0.62 2.41 5.00
N CYS A 42 0.50 1.18 5.51
CA CYS A 42 -0.79 0.51 5.68
C CYS A 42 -1.73 1.22 6.67
N VAL A 43 -1.19 1.99 7.63
CA VAL A 43 -2.05 2.70 8.58
C VAL A 43 -1.95 4.23 8.42
N ALA A 44 -1.17 4.71 7.43
CA ALA A 44 -1.02 6.14 7.23
C ALA A 44 -2.32 6.68 6.74
N ASN A 45 -2.89 7.66 7.50
CA ASN A 45 -4.15 8.33 7.17
C ASN A 45 -5.36 7.38 7.16
N VAL A 46 -5.24 6.26 7.88
CA VAL A 46 -6.34 5.29 8.08
C VAL A 46 -6.93 5.60 9.47
N ASN A 47 -8.21 5.22 9.69
CA ASN A 47 -8.88 5.27 11.00
C ASN A 47 -8.55 3.91 11.60
N VAL A 48 -7.46 3.87 12.36
CA VAL A 48 -6.95 2.62 12.96
C VAL A 48 -7.99 1.88 13.78
N ARG A 49 -8.95 2.62 14.38
CA ARG A 49 -10.02 2.05 15.21
C ARG A 49 -10.93 1.05 14.44
N ALA A 50 -10.98 1.17 13.10
CA ALA A 50 -11.76 0.26 12.25
C ALA A 50 -10.91 -0.90 11.66
N VAL A 51 -9.58 -0.92 11.89
CA VAL A 51 -8.73 -1.98 11.32
C VAL A 51 -8.90 -3.30 12.06
N ARG A 52 -9.31 -4.37 11.36
CA ARG A 52 -9.50 -5.69 11.96
C ARG A 52 -8.29 -6.54 11.65
N VAL A 53 -7.58 -7.00 12.67
CA VAL A 53 -6.37 -7.80 12.53
C VAL A 53 -6.82 -9.26 12.47
N VAL A 54 -6.80 -9.89 11.30
CA VAL A 54 -7.24 -11.27 11.22
C VAL A 54 -6.06 -12.28 11.25
N LEU A 55 -6.02 -13.15 12.29
CA LEU A 55 -5.02 -14.20 12.40
C LEU A 55 -5.64 -15.54 12.00
N GLY A 56 -4.80 -16.48 11.58
CA GLY A 56 -5.22 -17.84 11.26
C GLY A 56 -6.07 -18.02 10.03
N ALA A 57 -5.96 -17.12 9.06
CA ALA A 57 -6.70 -17.22 7.81
C ALA A 57 -5.91 -17.98 6.72
N HIS A 58 -6.64 -18.51 5.72
CA HIS A 58 -6.04 -19.16 4.56
C HIS A 58 -6.75 -18.66 3.29
N ASN A 59 -8.04 -18.98 3.14
CA ASN A 59 -8.87 -18.57 2.02
C ASN A 59 -9.81 -17.46 2.47
N LEU A 60 -9.55 -16.22 2.06
CA LEU A 60 -10.36 -15.07 2.46
C LEU A 60 -11.79 -15.07 1.89
N SER A 61 -12.07 -15.92 0.87
CA SER A 61 -13.41 -16.03 0.29
C SER A 61 -14.31 -17.03 1.03
N ARG A 62 -13.75 -17.82 1.97
CA ARG A 62 -14.53 -18.82 2.71
C ARG A 62 -14.68 -18.43 4.17
N ARG A 63 -15.70 -19.00 4.84
CA ARG A 63 -15.88 -18.80 6.27
C ARG A 63 -14.91 -19.76 6.93
N GLU A 64 -14.04 -19.25 7.81
CA GLU A 64 -13.01 -20.09 8.44
C GLU A 64 -13.06 -20.00 9.95
N PRO A 65 -13.41 -21.12 10.64
CA PRO A 65 -13.43 -21.11 12.12
C PRO A 65 -12.04 -21.02 12.76
N THR A 66 -10.95 -21.20 11.96
CA THR A 66 -9.57 -21.09 12.46
C THR A 66 -9.18 -19.63 12.76
N ARG A 67 -9.95 -18.66 12.25
CA ARG A 67 -9.61 -17.26 12.43
C ARG A 67 -9.79 -16.72 13.84
N GLN A 68 -8.92 -15.77 14.19
CA GLN A 68 -8.97 -15.03 15.45
C GLN A 68 -8.89 -13.58 15.07
N VAL A 69 -9.87 -12.76 15.43
CA VAL A 69 -9.90 -11.36 15.03
C VAL A 69 -9.62 -10.46 16.20
N PHE A 70 -8.69 -9.51 16.04
CA PHE A 70 -8.38 -8.52 17.08
C PHE A 70 -8.57 -7.12 16.48
N ALA A 71 -8.48 -6.11 17.33
CA ALA A 71 -8.54 -4.70 16.95
C ALA A 71 -7.17 -4.15 17.33
N VAL A 72 -6.88 -2.92 16.97
CA VAL A 72 -5.55 -2.29 17.17
C VAL A 72 -5.70 -1.32 18.31
N GLN A 73 -4.90 -1.50 19.35
CA GLN A 73 -4.92 -0.71 20.57
C GLN A 73 -3.98 0.51 20.48
N ARG A 74 -2.74 0.29 20.02
CA ARG A 74 -1.72 1.33 19.90
C ARG A 74 -0.89 1.10 18.66
N ILE A 75 -0.30 2.16 18.14
CA ILE A 75 0.58 2.13 16.94
C ILE A 75 1.97 2.58 17.34
N PHE A 76 3.01 1.87 16.92
CA PHE A 76 4.39 2.27 17.21
C PHE A 76 5.18 2.32 15.93
N GLU A 77 5.66 3.50 15.53
CA GLU A 77 6.52 3.68 14.34
C GLU A 77 7.84 4.26 14.77
N ASN A 78 8.84 4.13 13.87
CA ASN A 78 10.20 4.58 14.11
C ASN A 78 10.75 5.32 12.91
N GLY A 79 10.38 6.59 12.79
CA GLY A 79 10.88 7.48 11.74
C GLY A 79 10.36 7.20 10.34
N TYR A 80 9.12 6.68 10.21
CA TYR A 80 8.53 6.45 8.90
C TYR A 80 8.55 7.80 8.20
N ASP A 81 9.13 7.84 6.98
CA ASP A 81 9.24 9.03 6.13
C ASP A 81 8.60 8.69 4.76
N PRO A 82 7.31 9.00 4.52
CA PRO A 82 6.70 8.64 3.22
C PRO A 82 7.32 9.35 2.01
N VAL A 83 7.80 10.59 2.17
CA VAL A 83 8.39 11.34 1.07
C VAL A 83 9.63 10.61 0.52
N ASN A 84 10.51 10.10 1.41
CA ASN A 84 11.73 9.39 1.02
C ASN A 84 11.65 7.86 1.13
N LEU A 85 10.44 7.30 1.36
CA LEU A 85 10.13 5.86 1.48
C LEU A 85 10.98 5.11 2.57
N LEU A 86 11.35 5.82 3.64
CA LEU A 86 12.18 5.25 4.71
C LEU A 86 11.36 4.69 5.88
N ASN A 87 11.93 3.64 6.49
CA ASN A 87 11.41 3.04 7.72
C ASN A 87 9.93 2.77 7.62
N ASP A 88 9.52 2.08 6.54
CA ASP A 88 8.12 1.72 6.35
C ASP A 88 7.80 0.49 7.23
N ILE A 89 7.66 0.74 8.54
CA ILE A 89 7.45 -0.30 9.56
C ILE A 89 6.62 0.24 10.68
N VAL A 90 5.63 -0.56 11.07
CA VAL A 90 4.78 -0.25 12.20
C VAL A 90 4.52 -1.51 13.01
N ILE A 91 4.46 -1.33 14.34
CA ILE A 91 4.09 -2.37 15.28
C ILE A 91 2.70 -1.94 15.78
N LEU A 92 1.74 -2.85 15.65
CA LEU A 92 0.39 -2.61 16.10
C LEU A 92 0.17 -3.47 17.32
N GLN A 93 -0.15 -2.85 18.47
CA GLN A 93 -0.51 -3.61 19.67
C GLN A 93 -1.96 -4.02 19.50
N LEU A 94 -2.28 -5.28 19.88
CA LEU A 94 -3.67 -5.78 19.80
C LEU A 94 -4.44 -5.47 21.06
N ASN A 95 -5.77 -5.53 20.97
CA ASN A 95 -6.65 -5.27 22.10
C ASN A 95 -6.76 -6.52 23.05
N GLY A 96 -6.08 -7.62 22.71
CA GLY A 96 -6.07 -8.84 23.51
C GLY A 96 -4.88 -9.68 23.09
N SER A 97 -4.82 -10.94 23.51
CA SER A 97 -3.70 -11.83 23.15
C SER A 97 -4.23 -13.01 22.37
N ALA A 98 -3.52 -13.37 21.31
CA ALA A 98 -3.89 -14.50 20.45
C ALA A 98 -3.78 -15.80 21.21
N THR A 99 -4.54 -16.80 20.77
CA THR A 99 -4.47 -18.14 21.33
C THR A 99 -3.50 -18.85 20.43
N ILE A 100 -2.29 -19.17 20.90
CA ILE A 100 -1.28 -19.81 20.06
C ILE A 100 -1.66 -21.27 19.81
N ASN A 101 -1.75 -21.66 18.53
CA ASN A 101 -2.12 -23.03 18.18
C ASN A 101 -1.51 -23.38 16.80
N ALA A 102 -1.95 -24.49 16.17
CA ALA A 102 -1.43 -24.91 14.86
C ALA A 102 -1.54 -23.81 13.82
N ASN A 103 -2.65 -23.07 13.84
CA ASN A 103 -2.94 -22.03 12.85
C ASN A 103 -2.58 -20.61 13.25
N VAL A 104 -2.10 -20.37 14.46
CA VAL A 104 -1.74 -19.02 14.92
C VAL A 104 -0.45 -19.15 15.75
N GLN A 105 0.68 -18.68 15.21
CA GLN A 105 1.99 -18.78 15.85
C GLN A 105 2.76 -17.49 15.66
N VAL A 106 3.69 -17.26 16.56
CA VAL A 106 4.53 -16.08 16.57
C VAL A 106 5.74 -16.30 15.65
N ALA A 107 6.13 -15.28 14.90
CA ALA A 107 7.25 -15.38 14.01
C ALA A 107 8.55 -15.16 14.77
N GLN A 108 9.68 -15.61 14.16
CA GLN A 108 11.01 -15.45 14.73
C GLN A 108 11.68 -14.34 13.92
N LEU A 109 12.42 -13.45 14.57
CA LEU A 109 13.09 -12.33 13.93
C LEU A 109 14.57 -12.52 13.96
N PRO A 110 15.30 -11.90 12.99
CA PRO A 110 16.76 -12.01 12.98
C PRO A 110 17.43 -11.21 14.08
N ALA A 111 18.76 -11.35 14.21
CA ALA A 111 19.58 -10.59 15.15
C ALA A 111 19.67 -9.16 14.64
N GLN A 112 19.80 -8.20 15.55
CA GLN A 112 19.92 -6.80 15.17
C GLN A 112 21.12 -6.62 14.25
N GLY A 113 20.94 -5.85 13.17
CA GLY A 113 22.00 -5.53 12.22
C GLY A 113 22.37 -6.61 11.23
N ARG A 114 21.68 -7.76 11.21
CA ARG A 114 21.96 -8.83 10.26
C ARG A 114 21.58 -8.39 8.82
N ARG A 115 22.59 -8.21 7.93
CA ARG A 115 22.41 -7.84 6.52
C ARG A 115 22.46 -9.10 5.69
N LEU A 116 21.54 -9.26 4.74
CA LEU A 116 21.54 -10.39 3.82
C LEU A 116 22.29 -10.02 2.55
N GLY A 117 23.07 -10.97 2.04
CA GLY A 117 23.84 -10.76 0.82
C GLY A 117 23.08 -11.13 -0.43
N ASN A 118 23.60 -10.72 -1.58
CA ASN A 118 23.02 -11.07 -2.86
C ASN A 118 22.90 -12.56 -2.97
N GLY A 119 21.78 -13.02 -3.49
CA GLY A 119 21.59 -14.43 -3.78
C GLY A 119 20.92 -15.22 -2.69
N VAL A 120 20.68 -14.62 -1.50
CA VAL A 120 19.98 -15.33 -0.42
C VAL A 120 18.57 -15.66 -0.91
N GLN A 121 18.16 -16.92 -0.76
CA GLN A 121 16.85 -17.39 -1.17
C GLN A 121 15.82 -17.18 -0.04
N CYS A 122 14.71 -16.47 -0.36
CA CYS A 122 13.64 -16.14 0.56
C CYS A 122 12.29 -16.59 0.00
N LEU A 123 11.27 -16.48 0.85
CA LEU A 123 9.90 -16.76 0.47
C LEU A 123 9.07 -15.53 0.82
N ALA A 124 8.45 -14.92 -0.19
CA ALA A 124 7.54 -13.79 -0.06
C ALA A 124 6.12 -14.37 -0.04
N MET A 125 5.15 -13.60 0.46
CA MET A 125 3.79 -14.12 0.52
C MET A 125 2.76 -13.04 0.71
N GLY A 126 1.51 -13.35 0.41
CA GLY A 126 0.44 -12.39 0.64
C GLY A 126 -0.86 -12.67 -0.07
N TRP A 127 -1.87 -11.85 0.27
CA TRP A 127 -3.19 -11.89 -0.36
C TRP A 127 -3.41 -10.71 -1.33
N GLY A 128 -2.33 -10.10 -1.84
CA GLY A 128 -2.42 -8.99 -2.79
C GLY A 128 -2.83 -9.40 -4.19
N LEU A 129 -2.77 -8.46 -5.13
CA LEU A 129 -3.16 -8.69 -6.53
C LEU A 129 -2.32 -9.77 -7.21
N LEU A 130 -2.98 -10.53 -8.07
CA LEU A 130 -2.35 -11.62 -8.81
C LEU A 130 -1.75 -11.16 -10.16
N GLY A 131 -2.18 -9.97 -10.64
CA GLY A 131 -1.71 -9.38 -11.89
C GLY A 131 -2.80 -8.62 -12.62
N ARG A 134 -6.42 -10.09 -12.87
CA ARG A 134 -6.76 -11.31 -12.13
C ARG A 134 -7.38 -11.03 -10.77
N GLY A 135 -7.11 -9.85 -10.17
CA GLY A 135 -7.67 -9.46 -8.89
C GLY A 135 -6.96 -9.94 -7.64
N ILE A 136 -7.53 -9.62 -6.45
CA ILE A 136 -6.97 -10.05 -5.16
C ILE A 136 -7.03 -11.56 -5.10
N ALA A 137 -6.07 -12.15 -4.37
CA ALA A 137 -6.02 -13.59 -4.20
C ALA A 137 -7.06 -13.95 -3.17
N SER A 138 -7.64 -15.13 -3.30
CA SER A 138 -8.57 -15.65 -2.27
C SER A 138 -7.70 -16.42 -1.29
N VAL A 139 -6.94 -17.40 -1.82
CA VAL A 139 -6.03 -18.25 -1.07
C VAL A 139 -4.66 -17.56 -0.93
N LEU A 140 -4.03 -17.71 0.24
CA LEU A 140 -2.71 -17.13 0.50
C LEU A 140 -1.72 -17.65 -0.52
N GLN A 141 -0.96 -16.73 -1.12
CA GLN A 141 0.01 -17.04 -2.14
C GLN A 141 1.40 -16.90 -1.57
N GLU A 142 2.34 -17.71 -2.05
CA GLU A 142 3.76 -17.64 -1.68
C GLU A 142 4.60 -17.61 -2.97
N LEU A 143 5.84 -17.13 -2.85
CA LEU A 143 6.69 -16.94 -4.00
C LEU A 143 8.16 -17.00 -3.63
N ASN A 144 8.95 -17.77 -4.40
CA ASN A 144 10.39 -17.85 -4.18
C ASN A 144 11.03 -16.63 -4.75
N VAL A 145 11.83 -15.90 -3.94
CA VAL A 145 12.51 -14.70 -4.38
C VAL A 145 13.98 -14.75 -3.94
N THR A 146 14.80 -13.87 -4.52
CA THR A 146 16.23 -13.82 -4.28
C THR A 146 16.66 -12.39 -3.94
N VAL A 147 17.53 -12.23 -2.93
CA VAL A 147 18.02 -10.93 -2.49
C VAL A 147 19.03 -10.34 -3.48
N VAL A 148 18.93 -9.01 -3.71
CA VAL A 148 19.84 -8.27 -4.60
C VAL A 148 20.13 -6.93 -3.92
N THR A 149 21.38 -6.43 -3.96
CA THR A 149 21.76 -5.12 -3.38
C THR A 149 21.93 -4.03 -4.46
N SER A 150 21.80 -4.38 -5.74
CA SER A 150 21.88 -3.39 -6.82
C SER A 150 20.45 -2.94 -7.04
N LEU A 151 20.24 -1.64 -7.39
CA LEU A 151 18.92 -1.05 -7.58
C LEU A 151 18.16 -1.11 -6.25
N CYS A 152 18.93 -0.95 -5.15
CA CYS A 152 18.41 -1.05 -3.80
C CYS A 152 19.24 -0.20 -2.84
N ARG A 153 18.58 0.37 -1.83
CA ARG A 153 19.25 1.20 -0.83
C ARG A 153 19.69 0.38 0.35
N ARG A 154 20.54 0.99 1.18
CA ARG A 154 20.99 0.40 2.44
C ARG A 154 19.78 0.35 3.42
N SER A 155 18.81 1.25 3.19
CA SER A 155 17.57 1.36 3.94
C SER A 155 16.48 0.36 3.49
N ASN A 156 16.76 -0.61 2.57
CA ASN A 156 15.81 -1.66 2.20
C ASN A 156 16.51 -3.02 2.03
N VAL A 157 15.69 -4.07 1.97
CA VAL A 157 16.05 -5.42 1.57
C VAL A 157 15.27 -5.51 0.26
N CYS A 158 15.92 -5.82 -0.86
CA CYS A 158 15.25 -5.91 -2.14
C CYS A 158 15.31 -7.28 -2.69
N THR A 159 14.29 -7.66 -3.48
CA THR A 159 14.25 -8.99 -4.08
C THR A 159 13.83 -8.98 -5.55
N LEU A 160 14.07 -10.10 -6.20
CA LEU A 160 13.78 -10.29 -7.60
C LEU A 160 13.53 -11.78 -7.81
N VAL A 161 12.72 -12.11 -8.83
CA VAL A 161 12.53 -13.49 -9.26
C VAL A 161 13.45 -13.67 -10.48
N ARG A 162 14.38 -14.63 -10.38
CA ARG A 162 15.32 -14.89 -11.47
C ARG A 162 14.59 -15.59 -12.63
N GLY A 163 14.64 -14.99 -13.82
CA GLY A 163 14.08 -15.58 -15.03
C GLY A 163 12.59 -15.58 -15.25
N ARG A 164 11.75 -14.94 -14.39
CA ARG A 164 10.32 -14.89 -14.74
C ARG A 164 9.63 -13.63 -14.20
N GLN A 165 8.48 -13.32 -14.81
CA GLN A 165 7.71 -12.14 -14.47
C GLN A 165 6.81 -12.48 -13.29
N ALA A 166 7.37 -12.23 -12.12
CA ALA A 166 6.76 -12.54 -10.87
C ALA A 166 7.28 -11.57 -9.83
N GLY A 167 6.51 -11.37 -8.77
CA GLY A 167 6.88 -10.48 -7.67
C GLY A 167 5.71 -10.14 -6.78
N VAL A 168 5.95 -9.31 -5.76
CA VAL A 168 4.86 -8.89 -4.87
C VAL A 168 4.03 -7.83 -5.59
N CYS A 169 2.79 -7.60 -5.15
CA CYS A 169 1.94 -6.60 -5.78
C CYS A 169 1.07 -5.87 -4.73
N PHE A 170 0.14 -5.01 -5.16
CA PHE A 170 -0.71 -4.19 -4.28
C PHE A 170 -1.57 -5.08 -3.40
N GLY A 171 -1.52 -4.82 -2.07
CA GLY A 171 -2.21 -5.63 -1.08
C GLY A 171 -1.27 -6.60 -0.40
N ASP A 172 -0.03 -6.78 -0.94
CA ASP A 172 0.99 -7.60 -0.27
C ASP A 172 1.81 -6.74 0.72
N SER A 173 1.70 -5.38 0.68
CA SER A 173 2.43 -4.52 1.62
C SER A 173 2.16 -4.97 3.06
N GLY A 174 3.18 -4.88 3.89
CA GLY A 174 3.09 -5.32 5.27
C GLY A 174 3.36 -6.80 5.44
N SER A 175 3.36 -7.59 4.36
CA SER A 175 3.50 -9.03 4.50
C SER A 175 4.95 -9.37 4.73
N PRO A 176 5.21 -10.51 5.38
CA PRO A 176 6.60 -10.87 5.65
C PRO A 176 7.37 -11.43 4.49
N LEU A 177 8.70 -11.27 4.58
CA LEU A 177 9.65 -11.92 3.73
C LEU A 177 10.39 -12.86 4.69
N VAL A 178 10.32 -14.18 4.44
CA VAL A 178 10.96 -15.19 5.30
C VAL A 178 12.24 -15.63 4.63
N CYS A 179 13.39 -15.44 5.33
CA CYS A 179 14.69 -15.86 4.84
C CYS A 179 15.34 -16.70 5.91
N ASN A 180 15.61 -17.98 5.62
CA ASN A 180 16.21 -18.94 6.55
C ASN A 180 15.36 -19.06 7.80
N GLY A 181 14.04 -19.06 7.63
CA GLY A 181 13.08 -19.14 8.72
C GLY A 181 12.74 -17.86 9.47
N LEU A 182 13.53 -16.78 9.31
CA LEU A 182 13.35 -15.54 10.04
C LEU A 182 12.71 -14.46 9.22
N ILE A 183 12.02 -13.52 9.87
CA ILE A 183 11.35 -12.44 9.15
C ILE A 183 12.36 -11.33 8.92
N HIS A 184 12.90 -11.24 7.71
CA HIS A 184 13.89 -10.24 7.35
C HIS A 184 13.31 -9.02 6.61
N GLY A 185 12.10 -9.13 6.10
CA GLY A 185 11.53 -8.02 5.35
C GLY A 185 10.07 -7.88 5.61
N ILE A 186 9.57 -6.65 5.42
CA ILE A 186 8.14 -6.32 5.48
C ILE A 186 7.89 -5.66 4.11
N ALA A 187 7.00 -6.24 3.27
CA ALA A 187 6.83 -5.70 1.92
C ALA A 187 6.43 -4.20 1.99
N SER A 188 7.14 -3.36 1.21
CA SER A 188 6.98 -1.90 1.23
C SER A 188 6.51 -1.37 -0.10
N PHE A 189 7.36 -1.44 -1.13
CA PHE A 189 6.99 -0.89 -2.45
C PHE A 189 7.60 -1.61 -3.63
N VAL A 190 6.98 -1.40 -4.79
CA VAL A 190 7.38 -1.91 -6.10
C VAL A 190 7.61 -0.66 -6.98
N ARG A 191 8.49 -0.82 -7.97
CA ARG A 191 8.87 0.16 -8.98
C ARG A 191 8.57 -0.43 -10.34
N GLY A 192 8.10 0.42 -11.26
CA GLY A 192 7.75 0.01 -12.62
C GLY A 192 6.57 -0.93 -12.71
N GLY A 193 5.70 -0.88 -11.71
CA GLY A 193 4.53 -1.73 -11.60
C GLY A 193 4.92 -3.07 -11.02
N CYS A 194 3.93 -3.96 -10.83
CA CYS A 194 4.22 -5.30 -10.31
C CYS A 194 4.88 -6.18 -11.40
N ALA A 195 5.88 -6.99 -11.02
CA ALA A 195 6.56 -7.95 -11.91
C ALA A 195 7.12 -7.29 -13.16
N SER A 196 7.90 -6.21 -12.99
CA SER A 196 8.48 -5.44 -14.11
C SER A 196 9.66 -6.12 -14.82
N GLY A 197 10.50 -6.80 -14.06
CA GLY A 197 11.72 -7.39 -14.61
C GLY A 197 12.78 -6.32 -14.82
N LEU A 198 12.62 -5.13 -14.20
CA LEU A 198 13.53 -3.97 -14.23
C LEU A 198 14.04 -3.62 -12.85
N TYR A 199 13.09 -3.53 -11.88
CA TYR A 199 13.35 -3.08 -10.53
C TYR A 199 13.03 -4.17 -9.53
N PRO A 200 13.86 -4.32 -8.48
CA PRO A 200 13.54 -5.30 -7.45
C PRO A 200 12.47 -4.75 -6.52
N ASP A 201 11.69 -5.65 -5.89
CA ASP A 201 10.67 -5.30 -4.91
C ASP A 201 11.41 -4.88 -3.65
N ALA A 202 10.92 -3.83 -2.97
CA ALA A 202 11.56 -3.28 -1.76
C ALA A 202 10.80 -3.66 -0.48
N PHE A 203 11.56 -4.10 0.56
CA PHE A 203 11.05 -4.51 1.86
C PHE A 203 11.66 -3.67 2.94
N ALA A 204 10.94 -3.41 4.06
CA ALA A 204 11.53 -2.71 5.18
C ALA A 204 12.54 -3.70 5.83
N PRO A 205 13.76 -3.21 6.16
CA PRO A 205 14.82 -4.12 6.66
C PRO A 205 14.65 -4.43 8.12
N VAL A 206 13.82 -5.45 8.44
CA VAL A 206 13.44 -5.82 9.82
C VAL A 206 14.64 -5.89 10.79
N ALA A 207 15.75 -6.50 10.37
CA ALA A 207 16.96 -6.63 11.19
C ALA A 207 17.49 -5.28 11.71
N GLN A 208 17.27 -4.18 10.98
CA GLN A 208 17.67 -2.86 11.44
C GLN A 208 16.82 -2.36 12.58
N PHE A 209 15.64 -2.96 12.87
CA PHE A 209 14.68 -2.53 13.93
C PHE A 209 14.50 -3.50 15.10
N VAL A 210 15.28 -4.60 15.18
CA VAL A 210 15.06 -5.66 16.17
C VAL A 210 15.13 -5.19 17.63
N ASN A 211 16.14 -4.39 18.00
CA ASN A 211 16.24 -3.90 19.39
C ASN A 211 15.03 -3.05 19.74
N TRP A 212 14.60 -2.19 18.82
CA TRP A 212 13.44 -1.37 19.06
C TRP A 212 12.16 -2.22 19.12
N ILE A 213 11.99 -3.21 18.21
CA ILE A 213 10.83 -4.11 18.28
C ILE A 213 10.85 -4.80 19.63
N ASP A 214 12.02 -5.34 20.01
CA ASP A 214 12.17 -6.03 21.28
C ASP A 214 11.87 -5.12 22.48
N SER A 215 12.24 -3.82 22.43
CA SER A 215 11.92 -2.89 23.53
C SER A 215 10.39 -2.77 23.77
N ILE A 216 9.59 -2.95 22.73
CA ILE A 216 8.13 -2.86 22.79
C ILE A 216 7.53 -4.20 23.16
N ILE A 217 7.78 -5.24 22.37
CA ILE A 217 7.13 -6.54 22.59
C ILE A 217 7.70 -7.34 23.74
N GLN A 218 8.84 -6.87 24.30
CA GLN A 218 9.67 -7.46 25.37
C GLN A 218 10.51 -8.64 24.78
N GLN B 1 11.71 13.37 -2.46
CA GLN B 1 11.85 12.47 -3.59
C GLN B 1 10.50 12.17 -4.22
N VAL B 2 9.57 11.48 -3.50
CA VAL B 2 8.23 11.19 -4.07
C VAL B 2 7.50 12.54 -4.17
N GLN B 3 7.14 12.96 -5.40
CA GLN B 3 6.53 14.27 -5.65
C GLN B 3 5.40 14.16 -6.63
N LEU B 4 4.46 15.10 -6.50
CA LEU B 4 3.28 15.23 -7.35
C LEU B 4 3.25 16.69 -7.81
N GLN B 5 3.61 16.92 -9.09
CA GLN B 5 3.63 18.24 -9.71
C GLN B 5 2.43 18.31 -10.64
N GLU B 6 1.47 19.20 -10.34
CA GLU B 6 0.27 19.36 -11.14
C GLU B 6 0.41 20.49 -12.15
N SER B 7 -0.50 20.50 -13.11
CA SER B 7 -0.59 21.56 -14.11
C SER B 7 -1.98 21.57 -14.69
N GLY B 8 -2.31 22.67 -15.36
CA GLY B 8 -3.58 22.85 -16.03
C GLY B 8 -4.66 23.63 -15.32
N GLY B 9 -4.33 24.46 -14.31
CA GLY B 9 -5.37 25.26 -13.63
C GLY B 9 -5.89 26.46 -14.44
N GLY B 10 -6.29 27.52 -13.76
CA GLY B 10 -6.75 28.77 -14.39
C GLY B 10 -8.24 29.08 -14.35
N LEU B 11 -8.67 30.10 -15.15
CA LEU B 11 -10.06 30.53 -15.24
C LEU B 11 -10.79 29.91 -16.42
N VAL B 12 -12.11 29.82 -16.28
CA VAL B 12 -13.00 29.27 -17.32
C VAL B 12 -14.40 29.85 -17.11
N GLN B 13 -15.21 29.91 -18.16
CA GLN B 13 -16.56 30.45 -18.02
C GLN B 13 -17.48 29.30 -17.65
N ALA B 14 -18.60 29.61 -16.98
CA ALA B 14 -19.54 28.58 -16.56
C ALA B 14 -20.08 27.81 -17.78
N GLY B 15 -19.87 26.49 -17.76
CA GLY B 15 -20.21 25.59 -18.87
C GLY B 15 -18.96 25.18 -19.62
N GLY B 16 -17.84 25.81 -19.28
CA GLY B 16 -16.57 25.54 -19.92
C GLY B 16 -15.91 24.25 -19.50
N SER B 17 -14.76 24.02 -20.07
CA SER B 17 -13.98 22.82 -19.93
C SER B 17 -12.54 23.16 -19.55
N LEU B 18 -11.92 22.28 -18.79
CA LEU B 18 -10.54 22.43 -18.40
C LEU B 18 -9.94 21.02 -18.20
N ARG B 19 -8.66 20.85 -18.55
CA ARG B 19 -7.96 19.58 -18.35
C ARG B 19 -6.81 19.81 -17.35
N LEU B 20 -6.75 18.99 -16.23
CA LEU B 20 -5.67 19.04 -15.22
C LEU B 20 -4.75 17.84 -15.40
N SER B 21 -3.48 17.95 -14.96
CA SER B 21 -2.51 16.87 -15.12
C SER B 21 -1.71 16.72 -13.93
N CYS B 22 -1.22 15.51 -13.69
CA CYS B 22 -0.35 15.27 -12.58
C CYS B 22 0.67 14.21 -12.93
N VAL B 23 1.96 14.52 -12.75
CA VAL B 23 3.04 13.59 -13.03
C VAL B 23 3.60 13.18 -11.69
N VAL B 24 4.08 11.93 -11.60
CA VAL B 24 4.85 11.46 -10.44
C VAL B 24 6.34 11.50 -10.92
N PRO B 25 7.07 12.67 -10.90
CA PRO B 25 8.46 12.70 -11.42
C PRO B 25 9.34 11.50 -11.03
N GLY B 26 9.73 10.74 -12.05
CA GLY B 26 10.56 9.55 -11.90
C GLY B 26 9.77 8.30 -11.60
N ARG B 27 10.38 7.15 -11.91
CA ARG B 27 9.81 5.82 -11.65
C ARG B 27 10.40 5.42 -10.28
N THR B 28 9.98 6.14 -9.23
CA THR B 28 10.47 6.00 -7.87
C THR B 28 9.66 5.00 -7.06
N ILE B 29 8.34 4.93 -7.28
CA ILE B 29 7.46 4.00 -6.56
C ILE B 29 6.12 3.92 -7.28
N SER B 30 5.66 2.70 -7.59
CA SER B 30 4.37 2.53 -8.27
C SER B 30 3.24 2.69 -7.25
N LEU B 31 2.40 3.74 -7.39
CA LEU B 31 1.32 4.02 -6.45
C LEU B 31 0.04 3.43 -6.98
N TYR B 32 -0.66 2.62 -6.17
CA TYR B 32 -1.90 1.98 -6.58
C TYR B 32 -2.99 2.95 -6.94
N ARG B 33 -3.21 3.96 -6.11
CA ARG B 33 -4.30 4.92 -6.30
C ARG B 33 -3.77 6.27 -6.66
N MET B 34 -4.46 6.91 -7.59
CA MET B 34 -4.16 8.28 -7.95
C MET B 34 -5.45 8.98 -8.13
N GLY B 35 -5.51 10.20 -7.66
CA GLY B 35 -6.77 10.91 -7.78
C GLY B 35 -6.68 12.38 -7.58
N TRP B 36 -7.84 12.99 -7.36
CA TRP B 36 -7.97 14.42 -7.23
C TRP B 36 -8.89 14.74 -6.15
N PHE B 37 -8.44 15.61 -5.22
CA PHE B 37 -9.27 16.15 -4.13
C PHE B 37 -9.40 17.67 -4.41
N ARG B 38 -10.33 18.36 -3.76
CA ARG B 38 -10.46 19.81 -3.97
C ARG B 38 -10.92 20.49 -2.70
N GLN B 39 -10.49 21.74 -2.50
CA GLN B 39 -10.83 22.50 -1.32
C GLN B 39 -11.18 23.94 -1.65
N ALA B 40 -12.38 24.38 -1.26
CA ALA B 40 -12.79 25.77 -1.39
C ALA B 40 -12.30 26.44 -0.08
N PRO B 41 -11.97 27.75 -0.03
CA PRO B 41 -11.49 28.34 1.24
C PRO B 41 -12.44 28.22 2.43
N GLY B 42 -11.89 27.82 3.58
CA GLY B 42 -12.67 27.64 4.79
C GLY B 42 -13.61 26.44 4.78
N LYS B 43 -13.44 25.51 3.81
CA LYS B 43 -14.25 24.30 3.71
C LYS B 43 -13.34 23.11 3.72
N GLU B 44 -13.91 21.91 3.86
CA GLU B 44 -13.11 20.70 3.92
C GLU B 44 -12.74 20.14 2.55
N ARG B 45 -11.54 19.53 2.49
CA ARG B 45 -11.00 18.77 1.38
C ARG B 45 -12.11 17.81 0.90
N GLU B 46 -12.29 17.65 -0.41
CA GLU B 46 -13.35 16.81 -0.98
C GLU B 46 -12.73 15.89 -2.00
N PHE B 47 -12.94 14.56 -1.88
CA PHE B 47 -12.52 13.61 -2.93
C PHE B 47 -13.25 14.05 -4.17
N VAL B 48 -12.60 14.11 -5.35
CA VAL B 48 -13.26 14.51 -6.61
C VAL B 48 -13.34 13.30 -7.54
N ALA B 49 -12.20 12.66 -7.75
CA ALA B 49 -12.09 11.51 -8.64
C ALA B 49 -10.82 10.69 -8.35
N GLY B 50 -10.85 9.43 -8.76
CA GLY B 50 -9.74 8.50 -8.49
C GLY B 50 -9.67 7.38 -9.50
N ILE B 51 -8.52 6.65 -9.54
CA ILE B 51 -8.30 5.58 -10.51
C ILE B 51 -7.27 4.54 -10.02
N ASN B 52 -7.45 3.28 -10.48
CA ASN B 52 -6.58 2.13 -10.18
C ASN B 52 -5.23 2.36 -10.82
N TRP B 53 -4.24 1.50 -10.53
CA TRP B 53 -2.97 1.58 -11.22
C TRP B 53 -3.18 1.10 -12.67
N SER B 54 -4.02 0.05 -12.84
CA SER B 54 -4.35 -0.51 -14.16
C SER B 54 -5.33 0.31 -15.01
N GLY B 55 -6.14 1.16 -14.38
CA GLY B 55 -7.17 1.92 -15.07
C GLY B 55 -8.51 1.22 -15.18
N ASP B 56 -8.61 -0.08 -14.73
CA ASP B 56 -9.84 -0.87 -14.80
C ASP B 56 -10.99 -0.37 -13.92
N MET B 57 -10.69 0.48 -12.90
CA MET B 57 -11.69 1.02 -11.98
C MET B 57 -11.47 2.50 -11.75
N THR B 58 -12.56 3.27 -11.76
CA THR B 58 -12.56 4.70 -11.46
C THR B 58 -13.69 4.98 -10.50
N ASP B 59 -13.70 6.17 -9.93
CA ASP B 59 -14.79 6.61 -9.06
C ASP B 59 -14.77 8.12 -9.06
N TYR B 60 -15.92 8.71 -8.89
CA TYR B 60 -16.07 10.16 -8.89
C TYR B 60 -17.04 10.51 -7.77
N VAL B 61 -17.21 11.80 -7.48
CA VAL B 61 -18.22 12.24 -6.52
C VAL B 61 -19.45 12.37 -7.35
N ASP B 62 -20.62 12.16 -6.77
CA ASP B 62 -21.89 12.23 -7.52
C ASP B 62 -22.15 13.63 -8.14
N SER B 63 -21.62 14.71 -7.53
CA SER B 63 -21.77 16.07 -8.04
C SER B 63 -20.96 16.34 -9.30
N VAL B 64 -19.99 15.46 -9.65
CA VAL B 64 -19.18 15.63 -10.87
C VAL B 64 -19.40 14.48 -11.85
N LYS B 65 -20.24 13.44 -11.54
CA LYS B 65 -20.46 12.33 -12.48
C LYS B 65 -21.03 12.81 -13.83
N GLY B 66 -20.56 12.21 -14.92
CA GLY B 66 -20.98 12.57 -16.27
C GLY B 66 -20.31 13.80 -16.85
N ARG B 67 -19.93 14.79 -16.00
CA ARG B 67 -19.27 16.03 -16.40
C ARG B 67 -17.75 15.86 -16.43
N PHE B 68 -17.19 15.11 -15.43
CA PHE B 68 -15.74 14.89 -15.29
C PHE B 68 -15.35 13.45 -15.62
N THR B 69 -14.16 13.28 -16.25
CA THR B 69 -13.57 11.99 -16.59
C THR B 69 -12.11 11.98 -16.14
N ILE B 70 -11.70 10.88 -15.45
CA ILE B 70 -10.34 10.66 -14.97
C ILE B 70 -9.72 9.55 -15.83
N SER B 71 -8.48 9.80 -16.25
CA SER B 71 -7.70 8.91 -17.11
C SER B 71 -6.33 8.84 -16.52
N ARG B 72 -5.59 7.78 -16.87
CA ARG B 72 -4.24 7.56 -16.37
C ARG B 72 -3.36 7.15 -17.51
N ASP B 73 -2.06 7.42 -17.39
CA ASP B 73 -1.09 6.98 -18.38
C ASP B 73 0.14 6.50 -17.62
N ASN B 74 0.18 5.19 -17.28
CA ASN B 74 1.28 4.53 -16.55
C ASN B 74 2.64 4.71 -17.31
N ALA B 75 2.62 4.80 -18.67
CA ALA B 75 3.83 5.05 -19.48
C ALA B 75 4.44 6.45 -19.19
N LYS B 76 3.60 7.47 -18.93
CA LYS B 76 4.04 8.83 -18.58
C LYS B 76 3.70 9.12 -17.09
N ASN B 77 3.57 8.03 -16.24
CA ASN B 77 3.12 7.97 -14.83
C ASN B 77 2.26 9.20 -14.39
N THR B 78 1.37 9.60 -15.33
CA THR B 78 0.47 10.75 -15.21
C THR B 78 -0.98 10.36 -15.01
N VAL B 79 -1.74 11.32 -14.48
CA VAL B 79 -3.18 11.25 -14.39
C VAL B 79 -3.71 12.56 -14.91
N TYR B 80 -4.89 12.49 -15.50
CA TYR B 80 -5.54 13.63 -16.07
C TYR B 80 -6.95 13.69 -15.54
N LEU B 81 -7.49 14.90 -15.44
CA LEU B 81 -8.86 15.12 -15.06
C LEU B 81 -9.46 16.04 -16.09
N GLU B 82 -10.30 15.46 -16.99
CA GLU B 82 -11.03 16.20 -18.00
C GLU B 82 -12.23 16.74 -17.26
N MET B 83 -12.37 18.07 -17.19
CA MET B 83 -13.51 18.70 -16.53
C MET B 83 -14.31 19.41 -17.59
N ASN B 84 -15.62 19.09 -17.69
CA ASN B 84 -16.52 19.71 -18.69
C ASN B 84 -17.72 20.25 -17.96
N SER B 85 -18.49 21.10 -18.66
CA SER B 85 -19.72 21.69 -18.14
C SER B 85 -19.44 22.23 -16.70
N LEU B 86 -18.41 23.08 -16.59
CA LEU B 86 -17.95 23.58 -15.32
C LEU B 86 -18.94 24.56 -14.65
N LYS B 87 -19.21 24.38 -13.33
CA LYS B 87 -20.15 25.21 -12.57
C LYS B 87 -19.38 26.09 -11.59
N PRO B 88 -19.88 27.27 -11.16
CA PRO B 88 -19.11 28.07 -10.16
C PRO B 88 -18.85 27.32 -8.85
N GLU B 89 -19.70 26.32 -8.51
CA GLU B 89 -19.50 25.47 -7.35
C GLU B 89 -18.31 24.51 -7.52
N ASP B 90 -17.70 24.44 -8.72
CA ASP B 90 -16.47 23.67 -9.01
C ASP B 90 -15.21 24.51 -8.74
N THR B 91 -15.34 25.81 -8.43
CA THR B 91 -14.20 26.67 -8.05
C THR B 91 -13.57 26.11 -6.76
N ALA B 92 -12.30 25.74 -6.82
CA ALA B 92 -11.57 25.21 -5.64
C ALA B 92 -10.10 25.06 -6.03
N ILE B 93 -9.25 24.73 -5.04
CA ILE B 93 -7.86 24.40 -5.30
C ILE B 93 -7.89 22.89 -5.49
N TYR B 94 -7.53 22.43 -6.68
CA TYR B 94 -7.54 21.01 -7.01
C TYR B 94 -6.22 20.41 -6.68
N TYR B 95 -6.26 19.34 -5.92
CA TYR B 95 -5.06 18.67 -5.48
C TYR B 95 -4.95 17.33 -6.13
N CYS B 96 -3.80 17.07 -6.72
CA CYS B 96 -3.50 15.74 -7.19
C CYS B 96 -3.09 14.93 -6.00
N THR B 97 -3.58 13.67 -5.92
CA THR B 97 -3.23 12.78 -4.81
C THR B 97 -2.74 11.42 -5.32
N ALA B 98 -1.99 10.71 -4.49
CA ALA B 98 -1.49 9.37 -4.79
C ALA B 98 -1.42 8.58 -3.49
N ASP B 99 -1.54 7.26 -3.59
CA ASP B 99 -1.46 6.44 -2.39
C ASP B 99 -1.17 4.97 -2.68
N PRO B 100 -0.45 4.24 -1.78
CA PRO B 100 -0.15 2.83 -2.07
C PRO B 100 -1.20 1.81 -1.64
N LYS B 101 -2.11 2.17 -0.70
CA LYS B 101 -3.03 1.19 -0.17
C LYS B 101 -4.10 0.74 -1.14
N LEU B 102 -4.35 -0.58 -1.11
CA LEU B 102 -5.39 -1.26 -1.87
C LEU B 102 -6.70 -1.04 -1.13
N LEU B 103 -7.25 0.14 -1.32
CA LEU B 103 -8.49 0.55 -0.68
C LEU B 103 -9.41 1.20 -1.71
N PRO B 104 -10.70 1.46 -1.38
CA PRO B 104 -11.61 2.09 -2.36
C PRO B 104 -11.01 3.41 -2.84
N LEU B 105 -11.25 3.77 -4.11
CA LEU B 105 -10.67 4.99 -4.66
C LEU B 105 -11.20 6.23 -3.97
N ALA B 106 -12.42 6.16 -3.43
CA ALA B 106 -13.07 7.28 -2.74
C ALA B 106 -12.70 7.40 -1.26
N ASP B 107 -12.01 6.38 -0.69
CA ASP B 107 -11.62 6.43 0.70
C ASP B 107 -10.55 7.53 0.89
N SER B 108 -10.88 8.56 1.70
CA SER B 108 -10.01 9.71 1.96
C SER B 108 -8.86 9.36 2.92
N SER B 109 -7.94 8.55 2.43
CA SER B 109 -6.79 8.05 3.19
C SER B 109 -5.53 8.17 2.39
N TYR B 110 -5.48 9.17 1.47
CA TYR B 110 -4.36 9.37 0.58
C TYR B 110 -3.17 9.99 1.31
N GLY B 111 -1.99 9.39 1.16
CA GLY B 111 -0.78 9.88 1.80
C GLY B 111 -0.02 10.95 1.05
N TYR B 112 -0.11 10.94 -0.29
CA TYR B 112 0.66 11.84 -1.15
C TYR B 112 -0.23 12.87 -1.74
N TRP B 113 0.19 14.14 -1.61
CA TRP B 113 -0.58 15.29 -2.08
C TRP B 113 0.31 16.29 -2.82
N GLY B 114 -0.20 16.84 -3.93
CA GLY B 114 0.49 17.89 -4.67
C GLY B 114 0.26 19.24 -4.00
N GLN B 115 0.88 20.30 -4.52
CA GLN B 115 0.75 21.67 -3.99
C GLN B 115 -0.62 22.29 -4.25
N GLY B 116 -1.34 21.73 -5.22
CA GLY B 116 -2.65 22.22 -5.64
C GLY B 116 -2.56 23.27 -6.71
N THR B 117 -3.61 23.37 -7.53
CA THR B 117 -3.70 24.41 -8.56
C THR B 117 -5.11 25.03 -8.52
N GLN B 118 -5.16 26.36 -8.74
CA GLN B 118 -6.43 27.09 -8.67
C GLN B 118 -7.23 26.96 -9.97
N VAL B 119 -8.48 26.51 -9.85
CA VAL B 119 -9.47 26.38 -10.90
C VAL B 119 -10.56 27.33 -10.43
N THR B 120 -10.87 28.35 -11.22
CA THR B 120 -11.85 29.41 -10.92
C THR B 120 -12.95 29.45 -12.02
N VAL B 121 -14.17 28.97 -11.75
CA VAL B 121 -15.24 28.97 -12.73
C VAL B 121 -16.04 30.28 -12.56
N SER B 122 -15.99 31.18 -13.57
CA SER B 122 -16.65 32.50 -13.58
C SER B 122 -18.20 32.42 -13.51
N SER B 123 -18.90 33.59 -13.46
CA SER B 123 -20.38 33.74 -13.50
C SER B 123 -20.83 34.99 -14.36
#